data_2UP1
#
_entry.id   2UP1
#
_cell.length_a   51.200
_cell.length_b   51.200
_cell.length_c   171.090
_cell.angle_alpha   90.00
_cell.angle_beta   90.00
_cell.angle_gamma   90.00
#
_symmetry.space_group_name_H-M   'P 43 21 2'
#
loop_
_entity.id
_entity.type
_entity.pdbx_description
1 polymer "DNA (5'-D(P*TP*AP*GP*GP*GP*TP*TP*AP*GP*GP*G)-3')"
2 polymer 'PROTEIN (HETEROGENEOUS NUCLEAR RIBONUCLEOPROTEIN A1)'
3 water water
#
loop_
_entity_poly.entity_id
_entity_poly.type
_entity_poly.pdbx_seq_one_letter_code
_entity_poly.pdbx_strand_id
1 'polydeoxyribonucleotide' (DT)(DA)(DG)(DG)(DG)(DT)(DT)(DA)(DG)(DG)(DG) B
2 'polypeptide(L)'
;KEPEQLRKLFIGGLSFETTDESLRSHFEQWGTLTDCVVMRDPNTKRSRGFGFVTYATVEEVDAAMNARPHKVDGRVVEPK
RAVSREDSQRPGAHLTVKKIFVGGIKEDTEEHHLRDYFEQYGKIEVIEIMTDRGSGKKRGFAFVTFDDHDSVDKIVIQKY
HTVNGHNCEVRKALSKQEMASAS
;
A
#
loop_
_chem_comp.id
_chem_comp.type
_chem_comp.name
_chem_comp.formula
DA DNA linking 2'-DEOXYADENOSINE-5'-MONOPHOSPHATE 'C10 H14 N5 O6 P'
DG DNA linking 2'-DEOXYGUANOSINE-5'-MONOPHOSPHATE 'C10 H14 N5 O7 P'
DT DNA linking THYMIDINE-5'-MONOPHOSPHATE 'C10 H15 N2 O8 P'
#
# COMPACT_ATOMS: atom_id res chain seq x y z
N LYS B 1 8.32 19.87 -0.91
CA LYS B 1 8.86 18.49 -1.07
C LYS B 1 8.29 17.53 -0.06
N GLU B 2 7.53 16.56 -0.55
CA GLU B 2 6.96 15.56 0.32
C GLU B 2 8.06 14.56 0.67
N PRO B 3 7.86 13.75 1.72
CA PRO B 3 8.86 12.75 2.14
C PRO B 3 9.32 11.81 1.04
N GLU B 4 10.60 11.45 1.07
CA GLU B 4 11.15 10.53 0.11
C GLU B 4 10.34 9.24 0.12
N GLN B 5 10.09 8.70 1.30
CA GLN B 5 9.34 7.46 1.42
C GLN B 5 8.02 7.48 0.65
N LEU B 6 7.30 8.60 0.70
CA LEU B 6 6.02 8.72 -0.01
C LEU B 6 6.18 8.99 -1.51
N ARG B 7 7.39 9.31 -1.94
CA ARG B 7 7.65 9.58 -3.36
C ARG B 7 8.27 8.36 -4.07
N LYS B 8 8.45 7.27 -3.33
CA LYS B 8 9.06 6.07 -3.88
C LYS B 8 8.15 4.86 -4.04
N LEU B 9 8.35 4.13 -5.14
CA LEU B 9 7.59 2.93 -5.42
C LEU B 9 8.49 1.71 -5.48
N PHE B 10 7.96 0.61 -4.96
CA PHE B 10 8.65 -0.67 -5.01
C PHE B 10 8.21 -1.24 -6.36
N ILE B 11 9.15 -1.78 -7.12
CA ILE B 11 8.77 -2.37 -8.40
C ILE B 11 9.16 -3.84 -8.33
N GLY B 12 8.17 -4.71 -8.16
CA GLY B 12 8.44 -6.13 -8.06
C GLY B 12 8.31 -6.89 -9.36
N GLY B 13 8.86 -8.10 -9.39
CA GLY B 13 8.79 -8.94 -10.57
C GLY B 13 9.53 -8.39 -11.78
N LEU B 14 10.69 -7.78 -11.55
CA LEU B 14 11.48 -7.23 -12.65
C LEU B 14 12.12 -8.33 -13.48
N SER B 15 12.26 -8.09 -14.78
CA SER B 15 12.89 -9.05 -15.65
C SER B 15 14.35 -9.14 -15.23
N PHE B 16 14.95 -10.30 -15.45
CA PHE B 16 16.35 -10.53 -15.12
C PHE B 16 17.25 -9.49 -15.76
N GLU B 17 16.83 -8.99 -16.93
CA GLU B 17 17.63 -8.01 -17.67
C GLU B 17 17.28 -6.54 -17.44
N THR B 18 16.45 -6.23 -16.44
CA THR B 18 16.14 -4.83 -16.20
C THR B 18 17.30 -4.20 -15.46
N THR B 19 17.72 -3.02 -15.90
CA THR B 19 18.83 -2.30 -15.30
C THR B 19 18.36 -0.94 -14.79
N ASP B 20 19.19 -0.23 -14.04
CA ASP B 20 18.75 1.09 -13.57
C ASP B 20 18.29 1.90 -14.77
N GLU B 21 19.01 1.77 -15.87
CA GLU B 21 18.69 2.50 -17.09
C GLU B 21 17.34 2.15 -17.68
N SER B 22 17.13 0.88 -18.00
CA SER B 22 15.86 0.46 -18.59
C SER B 22 14.69 0.80 -17.68
N LEU B 23 14.90 0.67 -16.37
CA LEU B 23 13.84 0.96 -15.41
C LEU B 23 13.51 2.44 -15.45
N ARG B 24 14.55 3.27 -15.41
CA ARG B 24 14.40 4.72 -15.46
C ARG B 24 13.71 5.13 -16.76
N SER B 25 14.19 4.58 -17.86
CA SER B 25 13.65 4.90 -19.17
C SER B 25 12.14 4.63 -19.23
N HIS B 26 11.67 3.65 -18.46
CA HIS B 26 10.24 3.33 -18.47
C HIS B 26 9.41 4.21 -17.55
N PHE B 27 9.79 4.28 -16.28
CA PHE B 27 9.03 5.06 -15.33
C PHE B 27 9.13 6.57 -15.44
N GLU B 28 10.13 7.07 -16.16
CA GLU B 28 10.26 8.51 -16.33
C GLU B 28 9.13 9.09 -17.17
N GLN B 29 8.37 8.22 -17.82
CA GLN B 29 7.26 8.65 -18.67
C GLN B 29 6.11 9.26 -17.89
N TRP B 30 6.21 9.22 -16.57
CA TRP B 30 5.15 9.75 -15.71
C TRP B 30 5.67 10.84 -14.76
N GLY B 31 6.90 11.27 -14.97
CA GLY B 31 7.45 12.30 -14.12
C GLY B 31 8.96 12.28 -13.96
N THR B 32 9.45 13.20 -13.15
CA THR B 32 10.87 13.31 -12.89
C THR B 32 11.30 12.31 -11.82
N LEU B 33 12.26 11.45 -12.16
CA LEU B 33 12.77 10.48 -11.20
C LEU B 33 13.94 11.09 -10.44
N THR B 34 13.91 10.96 -9.12
CA THR B 34 14.98 11.48 -8.28
C THR B 34 15.86 10.32 -7.82
N ASP B 35 15.41 9.11 -8.09
CA ASP B 35 16.13 7.91 -7.74
C ASP B 35 15.50 6.76 -8.50
N CYS B 36 16.33 5.81 -8.93
CA CYS B 36 15.88 4.67 -9.69
C CYS B 36 17.00 3.65 -9.57
N VAL B 37 16.71 2.52 -8.92
CA VAL B 37 17.72 1.53 -8.73
C VAL B 37 17.17 0.11 -8.75
N VAL B 38 17.96 -0.81 -9.28
CA VAL B 38 17.62 -2.21 -9.36
C VAL B 38 18.46 -2.89 -8.30
N MET B 39 17.81 -3.65 -7.42
CA MET B 39 18.55 -4.35 -6.38
C MET B 39 19.10 -5.64 -6.92
N ARG B 40 20.39 -5.84 -6.73
CA ARG B 40 21.04 -7.06 -7.18
C ARG B 40 21.95 -7.60 -6.08
N ASP B 41 22.17 -8.91 -6.10
CA ASP B 41 23.01 -9.55 -5.09
C ASP B 41 24.36 -8.85 -4.97
N PRO B 42 24.67 -8.36 -3.75
CA PRO B 42 25.92 -7.65 -3.45
C PRO B 42 27.17 -8.47 -3.73
N ASN B 43 27.00 -9.78 -3.86
CA ASN B 43 28.14 -10.67 -4.08
C ASN B 43 28.28 -11.17 -5.53
N THR B 44 27.16 -11.42 -6.19
CA THR B 44 27.20 -11.92 -7.58
C THR B 44 26.65 -10.92 -8.59
N LYS B 45 26.26 -9.75 -8.11
CA LYS B 45 25.72 -8.72 -9.00
C LYS B 45 24.38 -9.14 -9.59
N ARG B 46 24.02 -10.41 -9.43
CA ARG B 46 22.75 -10.94 -9.93
C ARG B 46 21.59 -10.09 -9.45
N SER B 47 20.72 -9.68 -10.38
CA SER B 47 19.54 -8.88 -10.02
C SER B 47 18.68 -9.66 -9.03
N ARG B 48 18.15 -8.96 -8.04
CA ARG B 48 17.30 -9.63 -7.06
C ARG B 48 15.85 -9.64 -7.54
N GLY B 49 15.65 -9.10 -8.74
CA GLY B 49 14.33 -9.07 -9.33
C GLY B 49 13.36 -8.01 -8.83
N PHE B 50 13.87 -6.93 -8.26
CA PHE B 50 13.00 -5.88 -7.77
C PHE B 50 13.83 -4.60 -7.66
N GLY B 51 13.14 -3.47 -7.55
CA GLY B 51 13.85 -2.22 -7.45
C GLY B 51 12.94 -1.11 -6.99
N PHE B 52 13.44 0.13 -7.09
CA PHE B 52 12.64 1.26 -6.68
C PHE B 52 12.79 2.44 -7.61
N VAL B 53 11.71 3.20 -7.76
CA VAL B 53 11.72 4.40 -8.57
C VAL B 53 11.16 5.47 -7.66
N THR B 54 11.77 6.64 -7.67
CA THR B 54 11.32 7.74 -6.83
C THR B 54 11.08 8.99 -7.68
N TYR B 55 9.88 9.55 -7.56
CA TYR B 55 9.52 10.73 -8.32
C TYR B 55 9.67 12.02 -7.50
N ALA B 56 9.69 13.15 -8.20
CA ALA B 56 9.83 14.44 -7.55
C ALA B 56 8.65 14.74 -6.64
N THR B 57 7.47 14.24 -7.01
CA THR B 57 6.25 14.46 -6.22
C THR B 57 5.39 13.19 -6.15
N VAL B 58 4.52 13.13 -5.14
CA VAL B 58 3.65 11.97 -4.99
C VAL B 58 2.59 11.97 -6.08
N GLU B 59 2.28 13.14 -6.62
CA GLU B 59 1.30 13.22 -7.69
C GLU B 59 1.79 12.41 -8.88
N GLU B 60 3.10 12.46 -9.11
CA GLU B 60 3.71 11.72 -10.21
C GLU B 60 3.69 10.24 -9.84
N VAL B 61 3.71 9.95 -8.55
CA VAL B 61 3.65 8.59 -8.07
C VAL B 61 2.27 8.06 -8.42
N ASP B 62 1.24 8.88 -8.16
CA ASP B 62 -0.14 8.48 -8.43
C ASP B 62 -0.38 8.33 -9.92
N ALA B 63 0.25 9.19 -10.72
CA ALA B 63 0.08 9.11 -12.17
C ALA B 63 0.61 7.77 -12.65
N ALA B 64 1.80 7.40 -12.17
CA ALA B 64 2.41 6.14 -12.57
C ALA B 64 1.55 4.98 -12.12
N MET B 65 1.02 5.08 -10.90
CA MET B 65 0.18 4.03 -10.37
C MET B 65 -1.12 3.91 -11.16
N ASN B 66 -1.59 5.03 -11.72
CA ASN B 66 -2.82 5.00 -12.51
C ASN B 66 -2.54 4.48 -13.91
N ALA B 67 -1.26 4.28 -14.23
CA ALA B 67 -0.86 3.79 -15.54
C ALA B 67 -0.73 2.27 -15.59
N ARG B 68 -1.04 1.59 -14.50
CA ARG B 68 -0.99 0.14 -14.47
C ARG B 68 -1.93 -0.41 -15.54
N PRO B 69 -1.61 -1.58 -16.12
CA PRO B 69 -0.46 -2.45 -15.86
C PRO B 69 0.82 -1.89 -16.47
N HIS B 70 1.94 -2.20 -15.84
CA HIS B 70 3.25 -1.77 -16.33
C HIS B 70 4.02 -2.97 -16.86
N LYS B 71 4.53 -2.82 -18.08
CA LYS B 71 5.32 -3.85 -18.72
C LYS B 71 6.70 -3.24 -18.92
N VAL B 72 7.71 -3.82 -18.28
CA VAL B 72 9.06 -3.31 -18.39
C VAL B 72 9.99 -4.38 -18.93
N ASP B 73 10.61 -4.08 -20.06
CA ASP B 73 11.53 -5.01 -20.71
C ASP B 73 10.79 -6.32 -21.03
N GLY B 74 9.54 -6.17 -21.47
CA GLY B 74 8.73 -7.32 -21.85
C GLY B 74 8.14 -8.15 -20.71
N ARG B 75 8.37 -7.73 -19.48
CA ARG B 75 7.88 -8.45 -18.32
C ARG B 75 6.86 -7.62 -17.55
N VAL B 76 5.71 -8.20 -17.24
CA VAL B 76 4.69 -7.50 -16.46
C VAL B 76 5.23 -7.37 -15.05
N VAL B 77 5.56 -6.14 -14.65
CA VAL B 77 6.10 -5.91 -13.31
C VAL B 77 4.98 -5.53 -12.35
N GLU B 78 5.31 -5.39 -11.06
CA GLU B 78 4.30 -5.05 -10.08
C GLU B 78 4.71 -3.87 -9.18
N PRO B 79 4.30 -2.65 -9.56
CA PRO B 79 4.59 -1.41 -8.82
C PRO B 79 3.79 -1.42 -7.51
N LYS B 80 4.39 -0.93 -6.44
CA LYS B 80 3.73 -0.88 -5.13
C LYS B 80 4.29 0.25 -4.25
N ARG B 81 3.42 0.91 -3.49
CA ARG B 81 3.88 1.97 -2.60
C ARG B 81 4.98 1.36 -1.76
N ALA B 82 6.08 2.08 -1.60
CA ALA B 82 7.20 1.58 -0.82
C ALA B 82 6.91 1.60 0.67
N VAL B 83 7.02 0.45 1.30
CA VAL B 83 6.79 0.33 2.73
C VAL B 83 8.13 0.57 3.41
N SER B 84 8.16 1.52 4.34
CA SER B 84 9.41 1.83 5.03
C SER B 84 10.04 0.57 5.62
N ARG B 85 11.36 0.62 5.80
CA ARG B 85 12.11 -0.50 6.35
C ARG B 85 11.54 -0.89 7.70
N GLU B 86 11.11 0.09 8.48
CA GLU B 86 10.55 -0.17 9.80
C GLU B 86 9.21 -0.91 9.70
N ASP B 87 8.36 -0.48 8.79
CA ASP B 87 7.05 -1.11 8.62
C ASP B 87 7.15 -2.46 7.90
N SER B 88 8.19 -2.63 7.10
CA SER B 88 8.37 -3.88 6.38
C SER B 88 8.65 -5.01 7.35
N GLN B 89 8.95 -4.67 8.59
CA GLN B 89 9.24 -5.65 9.62
C GLN B 89 7.94 -6.29 10.09
N ARG B 90 6.84 -5.57 9.94
CA ARG B 90 5.53 -6.04 10.35
C ARG B 90 5.02 -7.20 9.51
N PRO B 91 4.27 -8.12 10.13
CA PRO B 91 3.72 -9.29 9.44
C PRO B 91 2.76 -8.92 8.32
N GLY B 92 2.99 -9.49 7.14
CA GLY B 92 2.12 -9.22 6.00
C GLY B 92 2.16 -7.79 5.50
N ALA B 93 3.15 -7.03 5.91
CA ALA B 93 3.27 -5.64 5.48
C ALA B 93 3.38 -5.50 3.96
N HIS B 94 3.81 -6.58 3.30
CA HIS B 94 3.98 -6.53 1.84
C HIS B 94 2.94 -7.30 1.03
N LEU B 95 1.88 -7.77 1.68
CA LEU B 95 0.85 -8.51 0.97
C LEU B 95 -0.01 -7.60 0.09
N THR B 96 -0.54 -8.14 -0.99
CA THR B 96 -1.40 -7.37 -1.88
C THR B 96 -2.83 -7.65 -1.41
N VAL B 97 -3.38 -6.74 -0.61
CA VAL B 97 -4.73 -6.90 -0.07
C VAL B 97 -5.65 -5.71 -0.40
N LYS B 98 -6.95 -5.96 -0.39
CA LYS B 98 -7.95 -4.94 -0.68
C LYS B 98 -8.71 -4.52 0.59
N LYS B 99 -8.48 -5.25 1.67
CA LYS B 99 -9.16 -4.96 2.93
C LYS B 99 -8.22 -4.45 4.00
N ILE B 100 -8.66 -3.43 4.74
CA ILE B 100 -7.85 -2.87 5.83
C ILE B 100 -8.59 -3.08 7.16
N PHE B 101 -7.81 -3.23 8.22
CA PHE B 101 -8.34 -3.39 9.58
C PHE B 101 -8.32 -1.97 10.13
N VAL B 102 -9.45 -1.49 10.62
CA VAL B 102 -9.54 -0.15 11.18
C VAL B 102 -9.84 -0.33 12.66
N GLY B 103 -8.83 -0.12 13.50
CA GLY B 103 -9.03 -0.30 14.94
C GLY B 103 -9.06 0.96 15.78
N GLY B 104 -9.84 0.92 16.85
CA GLY B 104 -9.94 2.07 17.73
C GLY B 104 -11.00 3.08 17.35
N ILE B 105 -12.14 2.60 16.85
CA ILE B 105 -13.23 3.50 16.48
C ILE B 105 -14.27 3.53 17.59
N LYS B 106 -14.85 4.69 17.83
CA LYS B 106 -15.85 4.84 18.88
C LYS B 106 -17.06 3.95 18.65
N GLU B 107 -17.74 3.63 19.74
CA GLU B 107 -18.93 2.78 19.72
C GLU B 107 -20.02 3.32 18.80
N ASP B 108 -20.15 4.63 18.71
CA ASP B 108 -21.21 5.22 17.88
C ASP B 108 -20.78 5.44 16.43
N THR B 109 -19.69 4.82 16.02
CA THR B 109 -19.20 4.94 14.65
C THR B 109 -20.20 4.26 13.72
N GLU B 110 -20.52 4.92 12.62
CA GLU B 110 -21.48 4.37 11.67
C GLU B 110 -20.79 4.34 10.31
N GLU B 111 -21.36 3.62 9.36
CA GLU B 111 -20.72 3.52 8.05
C GLU B 111 -20.38 4.84 7.38
N HIS B 112 -21.24 5.85 7.53
CA HIS B 112 -20.93 7.10 6.86
C HIS B 112 -19.64 7.70 7.38
N HIS B 113 -19.34 7.48 8.66
CA HIS B 113 -18.11 8.01 9.22
C HIS B 113 -16.93 7.44 8.45
N LEU B 114 -16.95 6.12 8.27
CA LEU B 114 -15.89 5.44 7.56
C LEU B 114 -15.79 5.93 6.11
N ARG B 115 -16.93 6.21 5.49
CA ARG B 115 -16.94 6.69 4.11
C ARG B 115 -16.36 8.09 3.99
N ASP B 116 -16.74 8.99 4.87
CA ASP B 116 -16.23 10.36 4.81
C ASP B 116 -14.73 10.47 4.94
N TYR B 117 -14.08 9.39 5.33
CA TYR B 117 -12.64 9.43 5.44
C TYR B 117 -11.95 8.56 4.38
N PHE B 118 -12.44 7.34 4.22
CA PHE B 118 -11.83 6.40 3.28
C PHE B 118 -12.19 6.52 1.79
N GLU B 119 -13.36 7.06 1.46
CA GLU B 119 -13.70 7.16 0.05
C GLU B 119 -12.67 7.94 -0.75
N GLN B 120 -12.05 8.92 -0.10
CA GLN B 120 -11.02 9.74 -0.74
C GLN B 120 -9.87 8.90 -1.29
N TYR B 121 -9.67 7.73 -0.72
CA TYR B 121 -8.57 6.88 -1.17
C TYR B 121 -8.91 5.90 -2.27
N GLY B 122 -10.19 5.74 -2.55
CA GLY B 122 -10.60 4.83 -3.61
C GLY B 122 -11.99 4.28 -3.43
N LYS B 123 -12.43 3.49 -4.42
CA LYS B 123 -13.75 2.88 -4.39
C LYS B 123 -13.90 1.86 -3.27
N ILE B 124 -14.88 2.09 -2.40
CA ILE B 124 -15.15 1.17 -1.30
C ILE B 124 -16.18 0.13 -1.74
N GLU B 125 -15.84 -1.14 -1.59
CA GLU B 125 -16.75 -2.21 -1.96
C GLU B 125 -17.50 -2.77 -0.76
N VAL B 126 -16.83 -2.82 0.40
CA VAL B 126 -17.45 -3.36 1.60
C VAL B 126 -17.02 -2.65 2.87
N ILE B 127 -17.97 -2.47 3.78
CA ILE B 127 -17.71 -1.83 5.07
C ILE B 127 -18.33 -2.72 6.13
N GLU B 128 -17.53 -3.11 7.11
CA GLU B 128 -18.02 -3.97 8.18
C GLU B 128 -17.60 -3.45 9.54
N ILE B 129 -18.57 -2.91 10.28
CA ILE B 129 -18.34 -2.41 11.63
C ILE B 129 -18.62 -3.64 12.48
N MET B 130 -17.58 -4.22 13.05
CA MET B 130 -17.71 -5.45 13.82
C MET B 130 -18.35 -5.34 15.19
N THR B 131 -19.20 -6.32 15.49
CA THR B 131 -19.90 -6.39 16.78
C THR B 131 -19.72 -7.78 17.35
N ASP B 132 -20.01 -7.91 18.64
CA ASP B 132 -19.85 -9.20 19.30
C ASP B 132 -20.97 -10.17 18.92
N ARG B 133 -20.58 -11.44 18.78
CA ARG B 133 -21.51 -12.50 18.42
C ARG B 133 -22.49 -12.75 19.56
N GLY B 134 -23.79 -12.61 19.29
CA GLY B 134 -24.77 -12.84 20.32
C GLY B 134 -24.95 -11.68 21.29
N SER B 135 -23.89 -10.90 21.49
CA SER B 135 -23.94 -9.76 22.40
C SER B 135 -24.50 -8.52 21.71
N GLY B 136 -24.07 -8.29 20.48
CA GLY B 136 -24.52 -7.12 19.76
C GLY B 136 -23.61 -5.95 20.10
N LYS B 137 -22.79 -6.14 21.12
CA LYS B 137 -21.87 -5.10 21.55
C LYS B 137 -20.86 -4.74 20.46
N LYS B 138 -20.64 -3.43 20.30
CA LYS B 138 -19.68 -2.92 19.34
C LYS B 138 -18.32 -3.36 19.87
N ARG B 139 -17.45 -3.85 19.00
CA ARG B 139 -16.14 -4.30 19.43
C ARG B 139 -15.01 -3.28 19.24
N GLY B 140 -15.35 -2.13 18.67
CA GLY B 140 -14.35 -1.09 18.48
C GLY B 140 -13.43 -1.16 17.28
N PHE B 141 -13.81 -1.89 16.24
CA PHE B 141 -12.97 -1.97 15.04
C PHE B 141 -13.82 -2.33 13.83
N ALA B 142 -13.28 -2.10 12.64
CA ALA B 142 -14.02 -2.40 11.42
C ALA B 142 -13.13 -2.82 10.27
N PHE B 143 -13.74 -3.42 9.25
CA PHE B 143 -13.03 -3.81 8.05
C PHE B 143 -13.61 -3.05 6.88
N VAL B 144 -12.73 -2.54 6.03
CA VAL B 144 -13.15 -1.81 4.85
C VAL B 144 -12.47 -2.42 3.64
N THR B 145 -13.27 -2.84 2.67
CA THR B 145 -12.71 -3.45 1.47
C THR B 145 -12.83 -2.51 0.28
N PHE B 146 -11.73 -2.33 -0.44
CA PHE B 146 -11.71 -1.46 -1.62
C PHE B 146 -11.63 -2.32 -2.88
N ASP B 147 -11.72 -1.67 -4.04
CA ASP B 147 -11.67 -2.40 -5.30
C ASP B 147 -10.25 -2.46 -5.85
N ASP B 148 -9.34 -1.71 -5.24
CA ASP B 148 -7.94 -1.67 -5.67
C ASP B 148 -7.00 -1.76 -4.45
N HIS B 149 -6.01 -2.64 -4.53
CA HIS B 149 -5.06 -2.83 -3.45
C HIS B 149 -4.23 -1.58 -3.19
N ASP B 150 -4.03 -0.77 -4.23
CA ASP B 150 -3.24 0.44 -4.07
C ASP B 150 -3.94 1.45 -3.16
N SER B 151 -5.26 1.36 -3.08
CA SER B 151 -6.03 2.26 -2.22
C SER B 151 -5.64 1.91 -0.80
N VAL B 152 -5.45 0.62 -0.55
CA VAL B 152 -5.05 0.15 0.77
C VAL B 152 -3.63 0.62 1.05
N ASP B 153 -2.73 0.37 0.10
CA ASP B 153 -1.34 0.76 0.26
C ASP B 153 -1.19 2.27 0.52
N LYS B 154 -1.97 3.07 -0.18
CA LYS B 154 -1.91 4.52 0.01
C LYS B 154 -2.31 4.87 1.42
N ILE B 155 -3.20 4.08 1.98
CA ILE B 155 -3.68 4.30 3.33
C ILE B 155 -2.71 3.87 4.41
N VAL B 156 -2.32 2.60 4.38
CA VAL B 156 -1.43 2.08 5.40
C VAL B 156 -0.07 2.74 5.52
N ILE B 157 0.39 3.43 4.47
CA ILE B 157 1.67 4.10 4.56
C ILE B 157 1.54 5.41 5.35
N GLN B 158 0.32 5.92 5.48
CA GLN B 158 0.11 7.15 6.26
C GLN B 158 0.08 6.78 7.74
N LYS B 159 0.44 7.71 8.62
CA LYS B 159 0.45 7.40 10.05
C LYS B 159 -0.88 7.64 10.76
N TYR B 160 -1.55 8.75 10.45
CA TYR B 160 -2.81 9.08 11.09
C TYR B 160 -4.02 9.01 10.15
N HIS B 161 -5.16 8.65 10.72
CA HIS B 161 -6.41 8.51 9.97
C HIS B 161 -7.52 8.90 10.94
N THR B 162 -8.30 9.92 10.58
CA THR B 162 -9.36 10.43 11.44
C THR B 162 -10.75 9.94 11.06
N VAL B 163 -11.37 9.17 11.95
CA VAL B 163 -12.69 8.63 11.72
C VAL B 163 -13.61 8.96 12.89
N ASN B 164 -14.79 9.50 12.58
CA ASN B 164 -15.75 9.86 13.61
C ASN B 164 -15.05 10.77 14.64
N GLY B 165 -14.36 11.78 14.11
CA GLY B 165 -13.68 12.74 14.95
C GLY B 165 -12.39 12.37 15.67
N HIS B 166 -11.93 11.13 15.56
CA HIS B 166 -10.71 10.78 16.27
C HIS B 166 -9.80 9.86 15.47
N ASN B 167 -8.54 9.82 15.89
CA ASN B 167 -7.56 8.99 15.21
C ASN B 167 -7.86 7.52 15.46
N CYS B 168 -7.55 6.70 14.46
CA CYS B 168 -7.74 5.25 14.55
C CYS B 168 -6.53 4.62 13.86
N GLU B 169 -6.28 3.36 14.18
CA GLU B 169 -5.15 2.65 13.60
C GLU B 169 -5.62 1.83 12.42
N VAL B 170 -4.95 1.97 11.30
CA VAL B 170 -5.33 1.24 10.10
C VAL B 170 -4.19 0.33 9.63
N ARG B 171 -4.47 -0.95 9.44
CA ARG B 171 -3.45 -1.89 8.97
C ARG B 171 -4.03 -2.79 7.89
N LYS B 172 -3.16 -3.50 7.20
CA LYS B 172 -3.65 -4.42 6.18
C LYS B 172 -4.31 -5.52 6.98
N ALA B 173 -5.40 -6.06 6.45
CA ALA B 173 -6.09 -7.14 7.14
C ALA B 173 -5.36 -8.45 6.93
N LEU B 174 -5.22 -9.21 8.01
CA LEU B 174 -4.61 -10.52 7.95
C LEU B 174 -5.77 -11.49 8.19
N SER B 175 -5.70 -12.67 7.60
CA SER B 175 -6.77 -13.64 7.75
C SER B 175 -6.70 -14.27 9.13
N LYS B 176 -7.74 -15.01 9.49
CA LYS B 176 -7.78 -15.69 10.77
C LYS B 176 -6.46 -16.44 10.95
N GLN B 177 -6.03 -17.11 9.89
CA GLN B 177 -4.80 -17.87 9.97
C GLN B 177 -3.54 -17.00 10.00
N GLU B 178 -3.48 -15.95 9.18
CA GLU B 178 -2.30 -15.10 9.21
C GLU B 178 -2.15 -14.50 10.60
N MET B 179 -3.25 -14.04 11.18
CA MET B 179 -3.22 -13.46 12.52
C MET B 179 -2.63 -14.46 13.48
N ALA B 180 -3.22 -15.66 13.52
CA ALA B 180 -2.76 -16.72 14.40
C ALA B 180 -1.32 -17.13 14.09
N SER B 181 -0.91 -16.96 12.85
CA SER B 181 0.45 -17.34 12.46
C SER B 181 1.46 -16.25 12.82
N ALA B 182 0.97 -15.01 12.99
CA ALA B 182 1.85 -13.91 13.35
C ALA B 182 1.86 -13.70 14.86
N SER B 183 0.91 -14.33 15.54
CA SER B 183 0.79 -14.22 16.99
C SER B 183 1.98 -14.86 17.69
#